data_7V8N
#
_entry.id   7V8N
#
_cell.length_a   54.668
_cell.length_b   54.818
_cell.length_c   180.755
_cell.angle_alpha   90.000
_cell.angle_beta   90.000
_cell.angle_gamma   90.000
#
_symmetry.space_group_name_H-M   'P 21 21 21'
#
loop_
_entity.id
_entity.type
_entity.pdbx_description
1 polymer 'AT-rich interactive domain-containing protein 4A'
2 water water
#
_entity_poly.entity_id   1
_entity_poly.type   'polypeptide(L)'
_entity_poly.pdbx_seq_one_letter_code
;GPGSRLNDELLGKVVSVVSATERTEWYPALVISPSCNDDITVKKDQCLVRSFIDSKFYSIARKDIKEVDILNLPESELST
KPGLQKASIFLKTRVVPDNWKMDISEILESSSSDDEDGPAEENDEEKEKEAKKTEEEVPEEELDPEERDNFLQQLYKFME
DRGTPINKPPVLGYKDLNLFKLFRLVYHQGGCDNIDSGAVWKQIYMDLGIPILNSAASYNVKTAYRKYLYGFEEYCRSAN
IQFRTVHHHEPKV
;
_entity_poly.pdbx_strand_id   A,B
#
# COMPACT_ATOMS: atom_id res chain seq x y z
N SER A 4 -4.90 23.79 -19.08
CA SER A 4 -3.98 23.05 -19.95
C SER A 4 -2.51 23.51 -19.86
N ARG A 5 -2.21 24.82 -19.78
CA ARG A 5 -0.96 25.19 -19.13
C ARG A 5 -1.08 24.94 -17.63
N LEU A 6 -2.28 25.18 -17.08
CA LEU A 6 -2.60 24.69 -15.76
C LEU A 6 -2.42 23.17 -15.69
N ASN A 7 -2.89 22.43 -16.70
CA ASN A 7 -2.71 20.95 -16.69
C ASN A 7 -1.21 20.61 -16.60
N ASP A 8 -0.38 21.28 -17.39
CA ASP A 8 1.05 21.01 -17.36
C ASP A 8 1.68 21.35 -16.01
N GLU A 9 1.24 22.45 -15.39
CA GLU A 9 1.83 22.83 -14.10
C GLU A 9 1.54 21.77 -13.04
N LEU A 10 0.35 21.17 -13.09
CA LEU A 10 -0.13 20.28 -12.04
C LEU A 10 0.05 18.81 -12.41
N LEU A 11 0.74 18.53 -13.50
CA LEU A 11 0.82 17.16 -14.00
C LEU A 11 1.36 16.22 -12.93
N GLY A 12 0.68 15.10 -12.71
CA GLY A 12 1.11 14.08 -11.75
C GLY A 12 0.81 14.37 -10.30
N LYS A 13 0.18 15.50 -9.99
CA LYS A 13 -0.16 15.83 -8.61
C LYS A 13 -1.42 15.11 -8.17
N VAL A 14 -1.43 14.70 -6.91
CA VAL A 14 -2.63 14.20 -6.26
C VAL A 14 -3.31 15.39 -5.61
N VAL A 15 -4.53 15.70 -6.06
CA VAL A 15 -5.17 16.95 -5.70
C VAL A 15 -6.52 16.65 -5.07
N SER A 16 -7.11 17.70 -4.49
CA SER A 16 -8.42 17.66 -3.87
C SER A 16 -9.37 18.42 -4.77
N VAL A 17 -10.45 17.75 -5.19
CA VAL A 17 -11.38 18.30 -6.17
C VAL A 17 -12.74 18.49 -5.51
N VAL A 18 -13.32 19.68 -5.69
CA VAL A 18 -14.68 19.93 -5.21
C VAL A 18 -15.64 19.00 -5.95
N SER A 19 -16.55 18.36 -5.21
CA SER A 19 -17.54 17.50 -5.83
C SER A 19 -18.51 18.32 -6.66
N ALA A 20 -18.93 17.75 -7.80
CA ALA A 20 -19.90 18.42 -8.65
C ALA A 20 -21.33 18.27 -8.12
N THR A 21 -21.61 17.18 -7.39
CA THR A 21 -22.95 16.94 -6.89
C THR A 21 -23.19 17.52 -5.51
N GLU A 22 -22.13 17.80 -4.75
CA GLU A 22 -22.26 18.39 -3.42
C GLU A 22 -21.11 19.36 -3.20
N ARG A 23 -21.43 20.66 -3.15
CA ARG A 23 -20.42 21.71 -3.09
C ARG A 23 -19.61 21.72 -1.81
N THR A 24 -20.00 20.93 -0.80
CA THR A 24 -19.25 20.84 0.45
C THR A 24 -18.38 19.59 0.54
N GLU A 25 -18.67 18.57 -0.25
CA GLU A 25 -17.84 17.37 -0.33
C GLU A 25 -16.74 17.54 -1.37
N TRP A 26 -15.75 16.64 -1.32
CA TRP A 26 -14.62 16.70 -2.22
C TRP A 26 -14.06 15.30 -2.41
N TYR A 27 -13.26 15.15 -3.47
CA TYR A 27 -12.69 13.84 -3.71
C TYR A 27 -11.24 13.95 -4.14
N PRO A 28 -10.42 12.95 -3.85
CA PRO A 28 -9.02 12.99 -4.29
C PRO A 28 -8.91 12.51 -5.73
N ALA A 29 -8.01 13.14 -6.48
CA ALA A 29 -7.91 12.87 -7.90
C ALA A 29 -6.46 13.05 -8.32
N LEU A 30 -6.08 12.38 -9.40
CA LEU A 30 -4.73 12.45 -9.95
C LEU A 30 -4.75 13.21 -11.27
N VAL A 31 -3.91 14.24 -11.38
CA VAL A 31 -3.80 15.03 -12.61
C VAL A 31 -2.93 14.29 -13.62
N ILE A 32 -3.48 14.14 -14.81
CA ILE A 32 -2.81 13.35 -15.87
C ILE A 32 -2.87 14.08 -17.22
N SER A 33 -2.13 13.57 -18.19
CA SER A 33 -2.04 14.23 -19.51
C SER A 33 -3.32 14.07 -20.34
N PRO A 34 -3.86 15.17 -20.91
CA PRO A 34 -4.99 15.07 -21.84
C PRO A 34 -4.70 14.11 -23.02
N SER A 35 -3.43 13.91 -23.36
CA SER A 35 -2.99 12.97 -24.43
C SER A 35 -3.33 11.50 -24.15
N CYS A 36 -3.70 11.14 -22.93
CA CYS A 36 -4.10 9.76 -22.56
C CYS A 36 -5.59 9.47 -22.84
N ASN A 37 -6.38 10.48 -23.16
CA ASN A 37 -7.85 10.32 -23.39
C ASN A 37 -8.30 11.21 -24.55
N ASP A 38 -8.72 10.59 -25.63
CA ASP A 38 -9.20 11.35 -26.79
C ASP A 38 -10.65 11.77 -26.69
N ASP A 39 -11.42 11.19 -25.78
CA ASP A 39 -12.86 11.38 -25.73
C ASP A 39 -13.28 12.48 -24.76
N ILE A 40 -12.33 13.17 -24.13
CA ILE A 40 -12.60 14.26 -23.21
C ILE A 40 -11.73 15.42 -23.67
N THR A 41 -12.33 16.59 -23.87
CA THR A 41 -11.55 17.76 -24.25
C THR A 41 -11.23 18.59 -23.01
N VAL A 42 -10.05 19.18 -23.03
CA VAL A 42 -9.55 19.98 -21.89
C VAL A 42 -9.11 21.34 -22.41
N LYS A 43 -9.71 22.40 -21.90
CA LYS A 43 -9.39 23.76 -22.31
C LYS A 43 -8.43 24.41 -21.31
N LYS A 44 -8.12 25.68 -21.56
CA LYS A 44 -7.23 26.41 -20.68
C LYS A 44 -7.88 26.57 -19.32
N ASP A 45 -7.05 26.51 -18.27
CA ASP A 45 -7.49 26.52 -16.88
C ASP A 45 -8.45 25.36 -16.60
N GLN A 46 -8.29 24.27 -17.34
CA GLN A 46 -8.90 22.99 -17.03
C GLN A 46 -7.82 21.91 -16.95
N CYS A 47 -8.09 20.90 -16.10
CA CYS A 47 -7.21 19.75 -15.95
C CYS A 47 -7.97 18.46 -16.19
N LEU A 48 -7.26 17.47 -16.69
CA LEU A 48 -7.82 16.10 -16.77
C LEU A 48 -7.36 15.38 -15.50
N VAL A 49 -8.28 14.78 -14.78
CA VAL A 49 -7.92 14.04 -13.58
C VAL A 49 -8.55 12.66 -13.65
N ARG A 50 -8.03 11.74 -12.85
CA ARG A 50 -8.67 10.45 -12.60
C ARG A 50 -9.01 10.35 -11.12
N SER A 51 -10.25 9.97 -10.84
CA SER A 51 -10.75 9.99 -9.48
C SER A 51 -10.28 8.76 -8.68
N PHE A 52 -9.81 9.00 -7.46
CA PHE A 52 -9.48 7.86 -6.62
C PHE A 52 -10.74 7.19 -6.09
N ILE A 53 -11.90 7.83 -6.23
CA ILE A 53 -13.15 7.27 -5.75
C ILE A 53 -13.75 6.32 -6.78
N ASP A 54 -14.08 6.82 -7.96
CA ASP A 54 -14.79 5.97 -8.91
C ASP A 54 -13.93 5.49 -10.08
N SER A 55 -12.64 5.86 -10.13
CA SER A 55 -11.69 5.46 -11.15
C SER A 55 -11.90 6.17 -12.50
N LYS A 56 -12.91 7.04 -12.62
CA LYS A 56 -13.27 7.66 -13.89
C LYS A 56 -12.45 8.93 -14.14
N PHE A 57 -12.46 9.38 -15.39
CA PHE A 57 -11.75 10.57 -15.80
C PHE A 57 -12.69 11.78 -15.86
N TYR A 58 -12.23 12.93 -15.38
CA TYR A 58 -13.04 14.13 -15.39
C TYR A 58 -12.17 15.32 -15.80
N SER A 59 -12.76 16.24 -16.57
CA SER A 59 -12.15 17.51 -16.90
C SER A 59 -12.69 18.54 -15.91
N ILE A 60 -11.81 19.23 -15.19
CA ILE A 60 -12.22 20.09 -14.09
C ILE A 60 -11.57 21.46 -14.26
N ALA A 61 -12.29 22.50 -13.85
CA ALA A 61 -11.83 23.88 -13.92
C ALA A 61 -11.05 24.24 -12.66
N ARG A 62 -10.28 25.34 -12.75
CA ARG A 62 -9.48 25.75 -11.59
C ARG A 62 -10.36 26.02 -10.37
N LYS A 63 -11.60 26.48 -10.60
CA LYS A 63 -12.49 26.77 -9.48
C LYS A 63 -12.85 25.53 -8.68
N ASP A 64 -12.70 24.33 -9.25
CA ASP A 64 -13.03 23.09 -8.55
C ASP A 64 -11.83 22.44 -7.88
N ILE A 65 -10.64 23.04 -8.01
CA ILE A 65 -9.44 22.52 -7.35
C ILE A 65 -9.40 23.10 -5.95
N LYS A 66 -9.84 22.30 -4.97
CA LYS A 66 -9.85 22.73 -3.58
C LYS A 66 -8.43 22.87 -3.05
N GLU A 67 -7.55 21.91 -3.34
CA GLU A 67 -6.13 22.00 -2.98
C GLU A 67 -5.29 21.35 -4.08
N VAL A 68 -4.06 21.80 -4.22
CA VAL A 68 -3.13 21.20 -5.16
C VAL A 68 -2.43 19.99 -4.54
N ASP A 69 -2.95 19.52 -3.40
CA ASP A 69 -2.33 18.41 -2.68
C ASP A 69 -3.33 17.84 -1.70
N ILE A 70 -2.97 16.68 -1.11
CA ILE A 70 -3.75 16.08 -0.04
C ILE A 70 -2.85 15.92 1.20
N LEU A 71 -1.93 16.86 1.38
CA LEU A 71 -0.96 16.74 2.46
C LEU A 71 -1.56 17.23 3.77
N ASN A 72 -1.05 16.68 4.88
CA ASN A 72 -1.33 17.19 6.23
C ASN A 72 -2.83 17.18 6.54
N LEU A 73 -3.49 16.13 6.16
CA LEU A 73 -4.89 16.18 6.54
C LEU A 73 -5.09 15.46 7.88
N PRO A 74 -6.10 15.84 8.66
CA PRO A 74 -6.27 15.26 10.00
C PRO A 74 -6.61 13.78 9.94
N GLU A 75 -6.23 13.06 11.01
CA GLU A 75 -6.50 11.63 11.07
C GLU A 75 -7.99 11.34 10.96
N SER A 76 -8.83 12.20 11.52
CA SER A 76 -10.28 12.01 11.42
C SER A 76 -10.74 12.07 9.98
N GLU A 77 -10.06 12.85 9.14
CA GLU A 77 -10.46 12.91 7.74
C GLU A 77 -10.23 11.57 7.05
N LEU A 78 -9.10 10.90 7.31
CA LEU A 78 -8.83 9.66 6.59
C LEU A 78 -9.57 8.47 7.17
N SER A 79 -9.99 8.53 8.44
CA SER A 79 -10.47 7.33 9.13
C SER A 79 -11.67 6.69 8.41
N THR A 80 -12.54 7.50 7.78
CA THR A 80 -13.71 6.97 7.10
C THR A 80 -13.71 7.30 5.61
N LYS A 81 -12.54 7.36 4.99
CA LYS A 81 -12.41 7.77 3.61
C LYS A 81 -11.41 6.86 2.94
N PRO A 82 -11.81 5.66 2.57
CA PRO A 82 -10.82 4.73 2.00
C PRO A 82 -10.20 5.25 0.72
N GLY A 83 -10.96 6.03 -0.07
CA GLY A 83 -10.39 6.62 -1.26
C GLY A 83 -9.24 7.56 -0.94
N LEU A 84 -9.37 8.31 0.15
CA LEU A 84 -8.32 9.23 0.53
C LEU A 84 -7.11 8.50 1.11
N GLN A 85 -7.33 7.38 1.80
CA GLN A 85 -6.20 6.53 2.22
C GLN A 85 -5.46 5.99 1.02
N LYS A 86 -6.19 5.50 0.01
CA LYS A 86 -5.55 4.98 -1.18
C LYS A 86 -4.77 6.06 -1.91
N ALA A 87 -5.34 7.27 -1.99
CA ALA A 87 -4.67 8.37 -2.66
C ALA A 87 -3.39 8.76 -1.94
N SER A 88 -3.41 8.77 -0.61
CA SER A 88 -2.21 9.08 0.17
C SER A 88 -1.13 8.03 -0.07
N ILE A 89 -1.48 6.75 -0.14
CA ILE A 89 -0.52 5.66 -0.45
C ILE A 89 0.07 5.86 -1.86
N PHE A 90 -0.76 6.26 -2.81
CA PHE A 90 -0.29 6.56 -4.18
C PHE A 90 0.78 7.66 -4.14
N LEU A 91 0.49 8.76 -3.46
CA LEU A 91 1.45 9.88 -3.39
C LEU A 91 2.78 9.43 -2.79
N LYS A 92 2.73 8.77 -1.65
CA LYS A 92 3.97 8.44 -0.90
C LYS A 92 4.76 7.25 -1.48
N THR A 93 4.10 6.20 -1.96
CA THR A 93 4.79 4.96 -2.36
C THR A 93 4.40 4.48 -3.77
N ARG A 94 3.52 5.18 -4.47
CA ARG A 94 3.07 4.86 -5.86
C ARG A 94 2.36 3.49 -5.96
N VAL A 95 1.71 3.05 -4.90
CA VAL A 95 0.89 1.82 -5.01
C VAL A 95 -0.43 2.22 -5.68
N VAL A 96 -0.70 1.61 -6.81
CA VAL A 96 -1.94 1.88 -7.58
C VAL A 96 -3.10 1.21 -6.84
N PRO A 97 -4.20 1.94 -6.58
CA PRO A 97 -5.35 1.35 -5.88
C PRO A 97 -5.94 0.16 -6.60
N ASP A 98 -6.53 -0.74 -5.80
CA ASP A 98 -7.24 -1.92 -6.34
C ASP A 98 -8.33 -1.54 -7.34
N ASN A 99 -9.07 -0.46 -7.08
CA ASN A 99 -10.16 -0.12 -8.00
C ASN A 99 -9.68 0.49 -9.30
N TRP A 100 -8.38 0.77 -9.43
CA TRP A 100 -7.80 1.12 -10.72
C TRP A 100 -7.23 -0.09 -11.45
N LYS A 101 -7.55 -1.30 -10.97
CA LYS A 101 -7.01 -2.54 -11.52
C LYS A 101 -8.13 -3.53 -11.79
N MET A 102 -8.06 -4.21 -12.93
CA MET A 102 -9.03 -5.25 -13.25
C MET A 102 -8.49 -6.59 -12.77
N ASP A 103 -9.40 -7.47 -12.36
CA ASP A 103 -8.95 -8.77 -11.86
C ASP A 103 -8.28 -9.56 -12.97
N ILE A 104 -7.17 -10.23 -12.63
CA ILE A 104 -6.42 -10.95 -13.65
C ILE A 104 -7.27 -12.06 -14.25
N SER A 105 -8.31 -12.51 -13.53
CA SER A 105 -9.24 -13.51 -14.04
C SER A 105 -10.21 -12.90 -15.04
N GLU A 106 -10.68 -11.68 -14.79
CA GLU A 106 -11.56 -11.01 -15.75
C GLU A 106 -10.86 -10.73 -17.07
N ILE A 107 -9.53 -10.61 -17.05
CA ILE A 107 -8.80 -10.47 -18.30
C ILE A 107 -8.75 -11.81 -19.04
N LEU A 108 -8.74 -12.92 -18.30
CA LEU A 108 -8.59 -14.25 -18.89
C LEU A 108 -9.82 -15.14 -18.67
N PRO A 139 4.32 -15.96 -18.22
CA PRO A 139 5.10 -15.96 -16.98
C PRO A 139 6.34 -16.86 -17.08
N GLU A 140 6.36 -17.72 -18.09
CA GLU A 140 7.54 -18.56 -18.34
C GLU A 140 8.70 -17.76 -18.89
N GLU A 141 8.43 -16.62 -19.54
CA GLU A 141 9.47 -15.80 -20.15
C GLU A 141 9.73 -14.49 -19.42
N GLU A 142 8.76 -13.97 -18.66
CA GLU A 142 8.92 -12.68 -18.01
C GLU A 142 9.77 -12.83 -16.77
N LEU A 143 10.71 -11.90 -16.59
CA LEU A 143 11.57 -11.95 -15.41
C LEU A 143 10.80 -11.57 -14.14
N ASP A 144 9.69 -10.83 -14.27
CA ASP A 144 8.89 -10.41 -13.13
C ASP A 144 7.42 -10.62 -13.49
N PRO A 145 6.94 -11.86 -13.35
CA PRO A 145 5.56 -12.15 -13.81
C PRO A 145 4.50 -11.43 -12.99
N GLU A 146 4.78 -11.15 -11.73
CA GLU A 146 3.92 -10.29 -10.93
C GLU A 146 3.81 -8.88 -11.51
N GLU A 147 4.96 -8.26 -11.88
CA GLU A 147 4.85 -6.92 -12.44
C GLU A 147 4.05 -6.96 -13.74
N ARG A 148 4.27 -8.01 -14.56
CA ARG A 148 3.50 -8.17 -15.79
C ARG A 148 2.01 -8.20 -15.51
N ASP A 149 1.58 -8.94 -14.49
CA ASP A 149 0.15 -8.98 -14.16
C ASP A 149 -0.34 -7.60 -13.73
N ASN A 150 0.40 -6.97 -12.81
CA ASN A 150 0.12 -5.60 -12.40
C ASN A 150 -0.08 -4.69 -13.63
N PHE A 151 0.89 -4.68 -14.54
CA PHE A 151 0.77 -3.90 -15.78
C PHE A 151 -0.55 -4.18 -16.48
N LEU A 152 -0.89 -5.46 -16.68
CA LEU A 152 -2.07 -5.79 -17.47
C LEU A 152 -3.35 -5.38 -16.75
N GLN A 153 -3.40 -5.59 -15.44
CA GLN A 153 -4.58 -5.21 -14.68
C GLN A 153 -4.83 -3.72 -14.75
N GLN A 154 -3.75 -2.92 -14.70
CA GLN A 154 -3.90 -1.48 -14.78
C GLN A 154 -4.28 -1.05 -16.17
N LEU A 155 -3.66 -1.65 -17.20
CA LEU A 155 -3.99 -1.28 -18.58
C LEU A 155 -5.45 -1.57 -18.88
N TYR A 156 -5.93 -2.76 -18.51
CA TYR A 156 -7.31 -3.12 -18.82
C TYR A 156 -8.31 -2.23 -18.09
N LYS A 157 -8.09 -1.96 -16.79
CA LYS A 157 -8.99 -1.04 -16.10
C LYS A 157 -8.94 0.36 -16.71
N PHE A 158 -7.73 0.84 -17.01
CA PHE A 158 -7.61 2.15 -17.66
C PHE A 158 -8.43 2.20 -18.94
N MET A 159 -8.27 1.19 -19.80
CA MET A 159 -8.97 1.14 -21.08
C MET A 159 -10.49 1.13 -20.88
N GLU A 160 -10.97 0.38 -19.89
CA GLU A 160 -12.39 0.37 -19.59
C GLU A 160 -12.87 1.76 -19.14
N ASP A 161 -12.19 2.33 -18.15
CA ASP A 161 -12.61 3.61 -17.58
C ASP A 161 -12.54 4.73 -18.59
N ARG A 162 -11.64 4.62 -19.56
CA ARG A 162 -11.54 5.62 -20.61
C ARG A 162 -12.67 5.47 -21.65
N GLY A 163 -13.27 4.30 -21.74
CA GLY A 163 -14.30 4.06 -22.74
C GLY A 163 -13.82 3.40 -24.00
N THR A 164 -12.58 2.90 -24.05
CA THR A 164 -12.09 2.09 -25.16
C THR A 164 -11.71 0.70 -24.64
N PRO A 165 -12.67 -0.02 -24.06
CA PRO A 165 -12.30 -1.26 -23.35
C PRO A 165 -11.73 -2.30 -24.31
N ILE A 166 -10.89 -3.17 -23.77
CA ILE A 166 -10.34 -4.28 -24.53
C ILE A 166 -11.32 -5.43 -24.38
N ASN A 167 -12.10 -5.70 -25.43
CA ASN A 167 -13.09 -6.78 -25.41
C ASN A 167 -12.51 -8.12 -25.84
N LYS A 168 -11.74 -8.11 -26.92
CA LYS A 168 -11.13 -9.34 -27.43
C LYS A 168 -9.62 -9.30 -27.22
N PRO A 169 -8.99 -10.43 -26.90
CA PRO A 169 -7.52 -10.45 -26.76
C PRO A 169 -6.86 -9.87 -27.99
N PRO A 170 -6.03 -8.85 -27.84
CA PRO A 170 -5.38 -8.24 -29.00
C PRO A 170 -4.47 -9.23 -29.72
N VAL A 171 -4.37 -9.06 -31.03
CA VAL A 171 -3.62 -10.00 -31.86
C VAL A 171 -2.73 -9.22 -32.81
N LEU A 172 -1.56 -9.79 -33.08
CA LEU A 172 -0.60 -9.19 -34.00
C LEU A 172 0.20 -10.32 -34.62
N GLY A 173 0.31 -10.32 -35.95
CA GLY A 173 0.96 -11.45 -36.59
C GLY A 173 0.24 -12.75 -36.34
N TYR A 174 -1.09 -12.72 -36.28
CA TYR A 174 -1.94 -13.91 -36.14
C TYR A 174 -1.55 -14.71 -34.90
N LYS A 175 -1.24 -13.98 -33.82
CA LYS A 175 -0.90 -14.55 -32.53
C LYS A 175 -1.25 -13.50 -31.47
N ASP A 176 -1.64 -13.97 -30.28
CA ASP A 176 -1.96 -13.06 -29.21
C ASP A 176 -0.82 -12.07 -28.99
N LEU A 177 -1.16 -10.79 -28.89
CA LEU A 177 -0.16 -9.74 -28.70
C LEU A 177 0.33 -9.69 -27.25
N ASN A 178 1.64 -9.79 -27.05
CA ASN A 178 2.25 -9.66 -25.72
C ASN A 178 2.36 -8.17 -25.39
N LEU A 179 1.36 -7.65 -24.68
CA LEU A 179 1.24 -6.20 -24.50
C LEU A 179 2.38 -5.65 -23.66
N PHE A 180 2.74 -6.34 -22.56
CA PHE A 180 3.82 -5.87 -21.70
C PHE A 180 5.14 -5.83 -22.47
N LYS A 181 5.43 -6.88 -23.26
CA LYS A 181 6.67 -6.90 -24.03
C LYS A 181 6.72 -5.77 -25.05
N LEU A 182 5.61 -5.54 -25.77
CA LEU A 182 5.54 -4.42 -26.72
C LEU A 182 5.80 -3.09 -26.01
N PHE A 183 5.13 -2.88 -24.88
CA PHE A 183 5.34 -1.66 -24.09
C PHE A 183 6.83 -1.49 -23.77
N ARG A 184 7.48 -2.58 -23.32
CA ARG A 184 8.91 -2.51 -23.00
C ARG A 184 9.74 -2.18 -24.21
N LEU A 185 9.47 -2.86 -25.34
CA LEU A 185 10.23 -2.59 -26.58
C LEU A 185 10.12 -1.13 -26.99
N VAL A 186 8.91 -0.57 -26.94
CA VAL A 186 8.72 0.83 -27.35
C VAL A 186 9.39 1.76 -26.34
N TYR A 187 9.36 1.42 -25.06
CA TYR A 187 10.05 2.27 -24.09
C TYR A 187 11.55 2.33 -24.38
N HIS A 188 12.18 1.17 -24.66
CA HIS A 188 13.62 1.14 -24.91
C HIS A 188 14.03 1.86 -26.19
N GLN A 189 13.08 2.16 -27.08
CA GLN A 189 13.33 3.00 -28.25
C GLN A 189 13.06 4.47 -27.97
N GLY A 190 12.75 4.84 -26.73
CA GLY A 190 12.50 6.23 -26.36
C GLY A 190 11.05 6.62 -26.22
N GLY A 191 10.11 5.68 -26.31
CA GLY A 191 8.71 6.02 -26.27
C GLY A 191 8.16 6.24 -27.66
N CYS A 192 6.83 6.09 -27.78
CA CYS A 192 6.19 6.08 -29.09
C CYS A 192 6.52 7.32 -29.90
N ASP A 193 6.51 8.48 -29.26
CA ASP A 193 6.72 9.74 -29.99
C ASP A 193 8.17 9.96 -30.39
N ASN A 194 9.12 9.24 -29.82
CA ASN A 194 10.52 9.29 -30.23
C ASN A 194 10.83 8.40 -31.42
N ILE A 195 9.88 7.59 -31.88
CA ILE A 195 10.12 6.66 -32.96
C ILE A 195 9.88 7.37 -34.28
N ASP A 196 10.95 7.52 -35.07
CA ASP A 196 10.88 8.32 -36.28
C ASP A 196 11.00 7.51 -37.56
N SER A 197 11.08 6.18 -37.47
CA SER A 197 11.38 5.36 -38.64
C SER A 197 10.49 4.12 -38.66
N GLY A 198 9.97 3.78 -39.84
CA GLY A 198 9.25 2.52 -39.97
C GLY A 198 10.15 1.33 -39.72
N ALA A 199 11.45 1.47 -39.94
CA ALA A 199 12.38 0.37 -39.71
C ALA A 199 12.55 0.09 -38.22
N VAL A 200 12.45 1.11 -37.37
CA VAL A 200 12.40 0.86 -35.93
C VAL A 200 11.17 0.02 -35.59
N TRP A 201 10.01 0.39 -36.14
CA TRP A 201 8.80 -0.38 -35.85
C TRP A 201 8.90 -1.80 -36.41
N LYS A 202 9.53 -1.97 -37.57
CA LYS A 202 9.67 -3.32 -38.12
C LYS A 202 10.49 -4.21 -37.20
N GLN A 203 11.55 -3.64 -36.62
CA GLN A 203 12.41 -4.41 -35.73
C GLN A 203 11.73 -4.70 -34.39
N ILE A 204 10.89 -3.78 -33.90
CA ILE A 204 10.04 -4.08 -32.74
C ILE A 204 9.14 -5.28 -33.03
N TYR A 205 8.55 -5.30 -34.23
CA TYR A 205 7.73 -6.43 -34.64
C TYR A 205 8.55 -7.73 -34.61
N MET A 206 9.76 -7.69 -35.15
CA MET A 206 10.64 -8.84 -35.06
C MET A 206 11.02 -9.15 -33.61
N ASP A 207 11.27 -8.11 -32.81
CA ASP A 207 11.68 -8.36 -31.41
C ASP A 207 10.55 -8.96 -30.58
N LEU A 208 9.31 -8.91 -31.07
CA LEU A 208 8.20 -9.58 -30.40
C LEU A 208 8.23 -11.09 -30.57
N GLY A 209 9.07 -11.62 -31.46
CA GLY A 209 9.09 -13.05 -31.73
C GLY A 209 8.09 -13.52 -32.78
N ILE A 210 7.44 -12.61 -33.49
CA ILE A 210 6.59 -12.98 -34.62
C ILE A 210 7.49 -13.52 -35.73
N PRO A 211 7.25 -14.74 -36.21
CA PRO A 211 8.27 -15.38 -37.07
C PRO A 211 8.18 -15.01 -38.55
N ILE A 212 7.07 -14.42 -39.01
CA ILE A 212 6.92 -14.08 -40.43
C ILE A 212 6.70 -12.58 -40.53
N LEU A 213 7.55 -11.90 -41.30
CA LEU A 213 7.46 -10.46 -41.53
C LEU A 213 7.15 -10.18 -43.01
N ASN A 214 6.05 -9.50 -43.26
CA ASN A 214 5.73 -8.99 -44.59
C ASN A 214 5.91 -7.47 -44.59
N SER A 215 5.54 -6.84 -45.71
CA SER A 215 5.81 -5.41 -45.84
C SER A 215 4.89 -4.57 -44.97
N ALA A 216 3.75 -5.11 -44.55
CA ALA A 216 2.86 -4.35 -43.68
C ALA A 216 3.21 -4.45 -42.21
N ALA A 217 4.24 -5.22 -41.83
CA ALA A 217 4.51 -5.48 -40.41
C ALA A 217 4.73 -4.18 -39.65
N SER A 218 5.58 -3.29 -40.19
CA SER A 218 5.84 -2.01 -39.54
C SER A 218 4.56 -1.25 -39.23
N TYR A 219 3.71 -1.04 -40.25
CA TYR A 219 2.45 -0.33 -40.07
C TYR A 219 1.53 -1.05 -39.07
N ASN A 220 1.55 -2.39 -39.09
CA ASN A 220 0.64 -3.14 -38.22
C ASN A 220 1.00 -2.98 -36.74
N VAL A 221 2.28 -2.99 -36.38
CA VAL A 221 2.60 -2.89 -34.96
C VAL A 221 2.42 -1.44 -34.48
N LYS A 222 2.80 -0.46 -35.30
CA LYS A 222 2.53 0.93 -34.98
C LYS A 222 1.04 1.15 -34.68
N THR A 223 0.17 0.68 -35.58
CA THR A 223 -1.27 0.82 -35.39
C THR A 223 -1.75 0.11 -34.13
N ALA A 224 -1.32 -1.14 -33.93
CA ALA A 224 -1.69 -1.85 -32.71
C ALA A 224 -1.21 -1.10 -31.46
N TYR A 225 0.00 -0.54 -31.49
CA TYR A 225 0.48 0.21 -30.33
C TYR A 225 -0.40 1.42 -30.07
N ARG A 226 -0.71 2.18 -31.13
CA ARG A 226 -1.55 3.37 -30.99
C ARG A 226 -2.89 3.02 -30.40
N LYS A 227 -3.43 1.88 -30.80
CA LYS A 227 -4.75 1.48 -30.34
C LYS A 227 -4.72 1.02 -28.88
N TYR A 228 -3.77 0.16 -28.52
CA TYR A 228 -3.86 -0.51 -27.22
C TYR A 228 -2.99 0.11 -26.14
N LEU A 229 -1.92 0.80 -26.49
CA LEU A 229 -0.93 1.14 -25.47
C LEU A 229 -0.56 2.63 -25.40
N TYR A 230 -0.69 3.36 -26.51
CA TYR A 230 -0.20 4.75 -26.53
C TYR A 230 -0.86 5.60 -25.43
N GLY A 231 -2.19 5.54 -25.33
CA GLY A 231 -2.87 6.25 -24.25
C GLY A 231 -2.34 5.85 -22.87
N PHE A 232 -2.13 4.55 -22.66
CA PHE A 232 -1.62 4.10 -21.37
C PHE A 232 -0.19 4.59 -21.13
N GLU A 233 0.63 4.64 -22.18
CA GLU A 233 1.98 5.21 -22.04
C GLU A 233 1.92 6.66 -21.54
N GLU A 234 1.15 7.49 -22.21
CA GLU A 234 0.98 8.89 -21.80
C GLU A 234 0.44 8.98 -20.37
N TYR A 235 -0.55 8.14 -20.04
CA TYR A 235 -1.11 8.16 -18.70
C TYR A 235 -0.05 7.80 -17.67
N CYS A 236 0.66 6.69 -17.86
CA CYS A 236 1.60 6.25 -16.84
C CYS A 236 2.72 7.26 -16.65
N ARG A 237 3.22 7.84 -17.74
CA ARG A 237 4.31 8.81 -17.62
C ARG A 237 3.85 10.03 -16.83
N SER A 238 2.68 10.58 -17.19
CA SER A 238 2.19 11.77 -16.50
C SER A 238 1.74 11.46 -15.08
N ALA A 239 1.29 10.23 -14.82
CA ALA A 239 0.96 9.79 -13.46
C ALA A 239 2.19 9.45 -12.60
N ASN A 240 3.36 9.35 -13.20
CA ASN A 240 4.59 8.91 -12.49
C ASN A 240 4.43 7.42 -12.09
N ILE A 241 3.83 6.59 -12.94
CA ILE A 241 3.72 5.16 -12.71
C ILE A 241 4.78 4.45 -13.53
N GLN A 242 5.62 3.64 -12.88
CA GLN A 242 6.72 2.94 -13.55
C GLN A 242 6.60 1.44 -13.28
N PHE A 243 7.12 0.63 -14.20
CA PHE A 243 7.09 -0.81 -14.02
C PHE A 243 8.50 -1.40 -13.93
N ARG A 244 8.72 -2.30 -12.97
CA ARG A 244 9.96 -3.05 -12.93
C ARG A 244 10.15 -3.81 -14.24
N THR A 245 11.41 -3.91 -14.67
CA THR A 245 11.89 -4.49 -15.92
C THR A 245 11.54 -3.63 -17.14
N VAL A 246 10.85 -2.51 -16.97
CA VAL A 246 10.72 -1.55 -18.06
C VAL A 246 11.47 -0.28 -17.70
N HIS A 247 10.92 0.48 -16.74
CA HIS A 247 11.47 1.78 -16.38
C HIS A 247 12.63 1.71 -15.40
N HIS A 248 12.68 0.68 -14.57
CA HIS A 248 13.74 0.56 -13.57
C HIS A 248 13.90 -0.91 -13.18
N HIS A 249 14.88 -1.16 -12.33
CA HIS A 249 15.31 -2.52 -12.02
C HIS A 249 15.62 -2.60 -10.54
N GLU A 250 15.14 -3.66 -9.89
CA GLU A 250 15.37 -3.89 -8.46
C GLU A 250 16.05 -5.25 -8.31
N PRO A 251 17.34 -5.31 -8.64
CA PRO A 251 18.02 -6.63 -8.64
C PRO A 251 18.04 -7.31 -7.28
N LYS A 252 18.00 -6.56 -6.18
CA LYS A 252 18.07 -7.11 -4.83
C LYS A 252 16.70 -7.19 -4.14
N VAL A 253 15.61 -7.37 -4.90
CA VAL A 253 14.28 -7.38 -4.30
C VAL A 253 13.85 -8.80 -3.96
N SER B 4 -14.71 2.39 24.14
CA SER B 4 -13.93 1.78 25.26
C SER B 4 -14.55 0.44 25.64
N ARG B 5 -15.77 0.42 26.18
CA ARG B 5 -16.48 -0.87 26.36
C ARG B 5 -16.69 -1.48 24.96
N LEU B 6 -17.08 -0.67 23.97
CA LEU B 6 -17.19 -1.15 22.57
C LEU B 6 -15.84 -1.68 22.09
N ASN B 7 -14.78 -0.93 22.36
CA ASN B 7 -13.39 -1.35 21.99
C ASN B 7 -13.07 -2.69 22.67
N ASP B 8 -13.42 -2.83 23.95
CA ASP B 8 -13.19 -4.09 24.69
C ASP B 8 -13.96 -5.24 24.02
N GLU B 9 -15.21 -5.00 23.64
CA GLU B 9 -16.04 -6.05 23.03
C GLU B 9 -15.52 -6.46 21.65
N LEU B 10 -15.01 -5.53 20.87
CA LEU B 10 -14.60 -5.82 19.47
C LEU B 10 -13.10 -6.06 19.32
N LEU B 11 -12.35 -6.06 20.42
CA LEU B 11 -10.88 -6.22 20.40
C LEU B 11 -10.49 -7.44 19.58
N GLY B 12 -9.63 -7.21 18.61
CA GLY B 12 -9.13 -8.28 17.76
C GLY B 12 -10.03 -8.67 16.60
N LYS B 13 -11.19 -8.06 16.45
CA LYS B 13 -12.07 -8.40 15.35
C LYS B 13 -11.80 -7.49 14.16
N VAL B 14 -12.01 -8.00 12.96
CA VAL B 14 -11.91 -7.21 11.75
C VAL B 14 -13.29 -6.68 11.40
N VAL B 15 -13.43 -5.37 11.36
CA VAL B 15 -14.72 -4.73 11.16
C VAL B 15 -14.73 -4.03 9.81
N SER B 16 -15.94 -3.81 9.29
CA SER B 16 -16.19 -3.01 8.10
C SER B 16 -16.40 -1.56 8.49
N VAL B 17 -15.49 -0.67 8.08
CA VAL B 17 -15.63 0.75 8.36
C VAL B 17 -16.30 1.43 7.17
N VAL B 18 -17.43 2.14 7.44
CA VAL B 18 -18.29 2.65 6.38
C VAL B 18 -17.74 3.96 5.86
N SER B 19 -17.62 4.04 4.54
CA SER B 19 -17.12 5.24 3.89
C SER B 19 -18.09 6.40 4.06
N ALA B 20 -17.54 7.57 4.40
CA ALA B 20 -18.35 8.77 4.54
C ALA B 20 -18.78 9.36 3.20
N THR B 21 -18.18 8.93 2.08
CA THR B 21 -18.45 9.46 0.76
C THR B 21 -19.51 8.67 0.01
N GLU B 22 -19.31 7.36 -0.14
CA GLU B 22 -20.24 6.47 -0.85
C GLU B 22 -20.80 5.50 0.17
N ARG B 23 -22.09 5.66 0.48
CA ARG B 23 -22.74 4.82 1.49
C ARG B 23 -22.59 3.34 1.21
N THR B 24 -22.34 2.96 -0.04
CA THR B 24 -22.21 1.55 -0.42
C THR B 24 -20.82 1.00 -0.17
N GLU B 25 -19.82 1.84 0.03
CA GLU B 25 -18.42 1.43 0.12
C GLU B 25 -17.97 1.32 1.58
N TRP B 26 -17.09 0.35 1.86
CA TRP B 26 -16.53 0.17 3.19
C TRP B 26 -15.20 -0.55 3.09
N TYR B 27 -14.33 -0.32 4.09
CA TYR B 27 -13.01 -0.95 4.12
C TYR B 27 -12.79 -1.68 5.45
N PRO B 28 -11.98 -2.74 5.44
CA PRO B 28 -11.77 -3.50 6.67
C PRO B 28 -10.68 -2.90 7.55
N ALA B 29 -10.90 -2.97 8.86
CA ALA B 29 -9.92 -2.51 9.83
C ALA B 29 -9.94 -3.43 11.05
N LEU B 30 -8.80 -3.50 11.71
CA LEU B 30 -8.59 -4.40 12.84
C LEU B 30 -8.73 -3.60 14.13
N VAL B 31 -9.64 -4.03 14.97
CA VAL B 31 -9.82 -3.38 16.31
C VAL B 31 -8.69 -3.82 17.24
N ILE B 32 -8.05 -2.84 17.86
CA ILE B 32 -6.91 -3.11 18.78
C ILE B 32 -7.03 -2.28 20.05
N SER B 33 -6.18 -2.59 21.01
CA SER B 33 -6.22 -1.92 22.33
C SER B 33 -5.72 -0.49 22.25
N PRO B 34 -6.47 0.46 22.80
CA PRO B 34 -6.00 1.83 22.89
C PRO B 34 -4.67 1.93 23.67
N SER B 35 -4.36 0.95 24.51
CA SER B 35 -3.10 0.96 25.26
C SER B 35 -1.87 0.86 24.36
N CYS B 36 -2.02 0.43 23.10
CA CYS B 36 -0.88 0.33 22.21
C CYS B 36 -0.53 1.65 21.53
N ASN B 37 -1.36 2.69 21.66
CA ASN B 37 -1.14 3.94 20.92
C ASN B 37 -1.47 5.12 21.85
N ASP B 38 -0.46 5.90 22.20
CA ASP B 38 -0.63 6.99 23.14
C ASP B 38 -1.08 8.28 22.49
N ASP B 39 -1.13 8.35 21.17
CA ASP B 39 -1.34 9.60 20.46
C ASP B 39 -2.70 9.71 19.78
N ILE B 40 -3.53 8.68 19.86
CA ILE B 40 -4.91 8.76 19.37
C ILE B 40 -5.83 8.58 20.57
N THR B 41 -6.82 9.46 20.67
CA THR B 41 -7.72 9.46 21.83
C THR B 41 -8.95 8.65 21.49
N VAL B 42 -9.30 7.72 22.37
CA VAL B 42 -10.42 6.82 22.17
C VAL B 42 -11.38 6.96 23.35
N LYS B 43 -12.59 7.43 23.06
CA LYS B 43 -13.57 7.71 24.08
C LYS B 43 -14.60 6.59 24.09
N LYS B 44 -15.77 6.83 24.70
CA LYS B 44 -16.82 5.83 24.78
C LYS B 44 -17.56 5.72 23.45
N ASP B 45 -17.92 4.50 23.09
CA ASP B 45 -18.51 4.19 21.79
C ASP B 45 -17.53 4.51 20.66
N GLN B 46 -16.24 4.55 21.00
CA GLN B 46 -15.18 4.72 19.98
C GLN B 46 -14.20 3.54 20.05
N CYS B 47 -13.54 3.24 18.94
CA CYS B 47 -12.62 2.09 18.84
C CYS B 47 -11.33 2.48 18.11
N LEU B 48 -10.19 2.00 18.57
CA LEU B 48 -8.93 2.16 17.84
C LEU B 48 -8.82 1.02 16.82
N VAL B 49 -8.48 1.37 15.60
CA VAL B 49 -8.34 0.35 14.57
C VAL B 49 -7.06 0.59 13.79
N ARG B 50 -6.58 -0.46 13.14
CA ARG B 50 -5.52 -0.32 12.15
C ARG B 50 -6.09 -0.66 10.78
N SER B 51 -5.95 0.25 9.83
CA SER B 51 -6.52 0.07 8.50
C SER B 51 -5.77 -0.99 7.70
N PHE B 52 -6.51 -1.87 7.05
CA PHE B 52 -5.85 -2.79 6.13
C PHE B 52 -5.49 -2.13 4.81
N ILE B 53 -5.80 -0.85 4.65
CA ILE B 53 -5.50 -0.12 3.41
C ILE B 53 -4.14 0.54 3.52
N ASP B 54 -4.00 1.45 4.48
CA ASP B 54 -2.77 2.24 4.60
C ASP B 54 -1.94 1.90 5.84
N SER B 55 -2.35 0.92 6.64
CA SER B 55 -1.67 0.42 7.84
C SER B 55 -1.63 1.41 8.99
N LYS B 56 -2.34 2.53 8.89
CA LYS B 56 -2.31 3.56 9.91
C LYS B 56 -3.38 3.31 10.96
N PHE B 57 -3.31 4.09 12.04
CA PHE B 57 -4.19 3.94 13.18
C PHE B 57 -5.27 5.03 13.18
N TYR B 58 -6.51 4.64 13.43
CA TYR B 58 -7.63 5.57 13.43
C TYR B 58 -8.60 5.26 14.55
N SER B 59 -9.24 6.31 15.03
CA SER B 59 -10.34 6.21 15.98
C SER B 59 -11.65 6.31 15.19
N ILE B 60 -12.52 5.31 15.34
CA ILE B 60 -13.81 5.27 14.64
C ILE B 60 -14.92 5.01 15.65
N ALA B 61 -16.09 5.56 15.36
CA ALA B 61 -17.27 5.47 16.23
C ALA B 61 -18.17 4.34 15.79
N ARG B 62 -19.11 3.97 16.66
CA ARG B 62 -20.03 2.87 16.34
C ARG B 62 -20.79 3.14 15.04
N LYS B 63 -21.19 4.39 14.81
CA LYS B 63 -21.93 4.74 13.59
C LYS B 63 -21.12 4.45 12.33
N ASP B 64 -19.80 4.32 12.44
CA ASP B 64 -18.93 4.02 11.31
C ASP B 64 -18.73 2.54 11.07
N ILE B 65 -19.25 1.67 11.92
CA ILE B 65 -19.04 0.24 11.80
C ILE B 65 -20.30 -0.40 11.23
N LYS B 66 -20.18 -0.98 10.03
CA LYS B 66 -21.30 -1.65 9.38
C LYS B 66 -21.45 -3.08 9.89
N GLU B 67 -20.36 -3.84 9.90
CA GLU B 67 -20.35 -5.24 10.28
C GLU B 67 -19.11 -5.48 11.14
N VAL B 68 -19.12 -6.58 11.89
CA VAL B 68 -18.00 -6.87 12.77
C VAL B 68 -17.36 -8.22 12.52
N ASP B 69 -18.04 -9.19 11.93
CA ASP B 69 -17.37 -10.47 11.67
C ASP B 69 -17.44 -10.70 10.17
N ILE B 70 -16.46 -10.14 9.45
CA ILE B 70 -16.61 -10.02 8.01
C ILE B 70 -16.59 -11.36 7.30
N LEU B 71 -16.00 -12.41 7.89
CA LEU B 71 -16.03 -13.70 7.19
C LEU B 71 -17.44 -14.28 7.20
N ASN B 72 -18.33 -13.76 8.03
CA ASN B 72 -19.74 -14.10 7.98
C ASN B 72 -20.50 -13.31 6.93
N LEU B 73 -19.77 -12.55 6.05
CA LEU B 73 -20.40 -11.72 5.03
C LEU B 73 -20.49 -12.48 3.71
N PRO B 74 -21.56 -12.24 2.93
CA PRO B 74 -21.70 -12.88 1.61
C PRO B 74 -20.79 -12.25 0.57
N GLY B 83 -6.67 -6.06 0.19
CA GLY B 83 -7.59 -5.24 0.98
C GLY B 83 -8.47 -6.17 1.81
N LEU B 84 -9.54 -6.65 1.19
CA LEU B 84 -10.32 -7.69 1.83
C LEU B 84 -9.58 -9.01 1.79
N GLN B 85 -8.84 -9.26 0.71
CA GLN B 85 -7.97 -10.44 0.68
C GLN B 85 -7.00 -10.45 1.85
N LYS B 86 -6.35 -9.31 2.09
CA LYS B 86 -5.40 -9.18 3.19
C LYS B 86 -6.06 -9.43 4.53
N ALA B 87 -7.21 -8.81 4.78
CA ALA B 87 -7.92 -8.99 6.05
C ALA B 87 -8.38 -10.43 6.21
N SER B 88 -8.91 -11.03 5.14
CA SER B 88 -9.36 -12.41 5.18
C SER B 88 -8.20 -13.36 5.47
N ILE B 89 -7.04 -13.14 4.88
CA ILE B 89 -5.88 -14.01 5.21
C ILE B 89 -5.50 -13.80 6.69
N PHE B 90 -5.48 -12.57 7.16
CA PHE B 90 -5.15 -12.28 8.58
C PHE B 90 -6.10 -13.05 9.51
N LEU B 91 -7.40 -12.98 9.26
CA LEU B 91 -8.39 -13.63 10.13
C LEU B 91 -8.22 -15.15 10.14
N LYS B 92 -8.06 -15.75 8.97
CA LYS B 92 -8.01 -17.23 8.84
C LYS B 92 -6.66 -17.83 9.26
N THR B 93 -5.55 -17.23 8.89
CA THR B 93 -4.21 -17.81 9.13
C THR B 93 -3.25 -16.90 9.91
N ARG B 94 -3.65 -15.66 10.23
CA ARG B 94 -2.82 -14.69 11.01
C ARG B 94 -1.54 -14.32 10.24
N VAL B 95 -1.56 -14.45 8.92
CA VAL B 95 -0.45 -13.92 8.10
C VAL B 95 -0.66 -12.41 8.05
N VAL B 96 0.25 -11.68 8.66
CA VAL B 96 0.20 -10.20 8.70
C VAL B 96 0.50 -9.69 7.29
N PRO B 97 -0.25 -8.71 6.76
CA PRO B 97 -0.06 -8.28 5.37
C PRO B 97 1.27 -7.55 5.18
N ASP B 98 1.73 -7.53 3.93
CA ASP B 98 3.05 -6.95 3.63
C ASP B 98 3.12 -5.49 4.03
N ASN B 99 2.02 -4.75 3.87
CA ASN B 99 2.12 -3.33 4.15
C ASN B 99 2.15 -3.04 5.63
N TRP B 100 1.94 -4.04 6.48
CA TRP B 100 2.15 -3.91 7.91
C TRP B 100 3.56 -4.32 8.32
N LYS B 101 4.47 -4.48 7.35
CA LYS B 101 5.84 -4.96 7.57
C LYS B 101 6.84 -4.11 6.78
N MET B 102 7.94 -3.77 7.45
CA MET B 102 9.09 -3.11 6.86
C MET B 102 10.03 -4.13 6.22
N ASP B 103 10.66 -3.72 5.13
CA ASP B 103 11.68 -4.55 4.51
C ASP B 103 12.79 -4.81 5.52
N ILE B 104 13.20 -6.07 5.64
CA ILE B 104 14.29 -6.36 6.58
C ILE B 104 15.53 -5.57 6.17
N SER B 105 15.74 -5.36 4.88
CA SER B 105 16.87 -4.55 4.36
C SER B 105 16.85 -3.18 5.01
N GLU B 106 15.67 -2.59 5.15
CA GLU B 106 15.54 -1.23 5.72
C GLU B 106 15.80 -1.25 7.22
N ILE B 107 15.75 -2.42 7.86
CA ILE B 107 16.15 -2.43 9.29
C ILE B 107 17.69 -2.53 9.26
N LEU B 108 18.34 -1.38 9.11
CA LEU B 108 19.82 -1.29 9.00
C LEU B 108 20.31 -0.17 9.91
N GLU B 141 22.24 -17.08 16.29
CA GLU B 141 21.99 -17.89 17.49
C GLU B 141 20.50 -17.97 17.82
N GLU B 142 19.67 -17.19 17.12
CA GLU B 142 18.24 -17.37 17.28
C GLU B 142 17.87 -18.77 16.86
N LEU B 143 16.94 -19.36 17.62
CA LEU B 143 16.40 -20.66 17.22
C LEU B 143 15.62 -20.56 15.91
N ASP B 144 14.79 -19.52 15.79
CA ASP B 144 13.97 -19.29 14.60
C ASP B 144 14.31 -17.88 14.10
N PRO B 145 15.40 -17.74 13.33
CA PRO B 145 15.73 -16.41 12.78
C PRO B 145 14.68 -15.88 11.82
N GLU B 146 13.93 -16.75 11.14
CA GLU B 146 12.88 -16.26 10.26
C GLU B 146 11.75 -15.60 11.04
N GLU B 147 11.41 -16.14 12.23
CA GLU B 147 10.40 -15.50 13.06
C GLU B 147 10.92 -14.25 13.70
N ARG B 148 12.19 -14.24 14.10
CA ARG B 148 12.82 -13.01 14.58
C ARG B 148 12.72 -11.90 13.55
N ASP B 149 13.03 -12.19 12.28
CA ASP B 149 12.91 -11.18 11.23
C ASP B 149 11.47 -10.71 11.10
N ASN B 150 10.52 -11.66 11.05
CA ASN B 150 9.10 -11.31 11.00
C ASN B 150 8.73 -10.36 12.14
N PHE B 151 9.19 -10.70 13.36
CA PHE B 151 8.92 -9.87 14.52
C PHE B 151 9.46 -8.46 14.33
N LEU B 152 10.74 -8.34 13.97
CA LEU B 152 11.33 -7.02 13.78
C LEU B 152 10.61 -6.25 12.67
N GLN B 153 10.35 -6.90 11.54
CA GLN B 153 9.67 -6.19 10.45
C GLN B 153 8.33 -5.61 10.89
N GLN B 154 7.54 -6.41 11.63
CA GLN B 154 6.26 -5.92 12.14
C GLN B 154 6.44 -4.82 13.17
N LEU B 155 7.43 -4.98 14.05
CA LEU B 155 7.64 -4.02 15.13
C LEU B 155 8.06 -2.65 14.60
N TYR B 156 9.02 -2.64 13.68
CA TYR B 156 9.50 -1.37 13.13
C TYR B 156 8.37 -0.67 12.35
N LYS B 157 7.64 -1.41 11.51
CA LYS B 157 6.51 -0.80 10.78
C LYS B 157 5.44 -0.27 11.72
N PHE B 158 5.14 -1.01 12.79
CA PHE B 158 4.19 -0.56 13.81
C PHE B 158 4.64 0.76 14.41
N MET B 159 5.91 0.84 14.81
CA MET B 159 6.44 2.04 15.47
C MET B 159 6.42 3.25 14.54
N GLU B 160 6.76 3.02 13.28
CA GLU B 160 6.66 4.05 12.25
C GLU B 160 5.22 4.53 12.11
N ASP B 161 4.29 3.59 11.87
CA ASP B 161 2.90 3.94 11.59
C ASP B 161 2.24 4.70 12.74
N ARG B 162 2.64 4.46 13.97
CA ARG B 162 2.04 5.21 15.08
C ARG B 162 2.78 6.51 15.38
N GLY B 163 3.89 6.75 14.70
CA GLY B 163 4.59 8.00 14.86
C GLY B 163 5.66 8.03 15.92
N THR B 164 6.13 6.86 16.40
CA THR B 164 7.30 6.78 17.28
C THR B 164 8.34 5.89 16.62
N PRO B 165 8.87 6.29 15.46
CA PRO B 165 9.72 5.38 14.70
C PRO B 165 11.03 5.13 15.45
N ILE B 166 11.63 3.98 15.18
CA ILE B 166 12.93 3.64 15.76
C ILE B 166 13.97 4.13 14.76
N ASN B 167 14.53 5.31 15.03
CA ASN B 167 15.57 5.86 14.17
C ASN B 167 16.92 5.22 14.51
N LYS B 168 17.48 5.57 15.65
CA LYS B 168 18.76 5.01 16.04
C LYS B 168 18.57 3.58 16.58
N PRO B 169 19.47 2.66 16.26
CA PRO B 169 19.38 1.31 16.83
C PRO B 169 19.38 1.37 18.35
N PRO B 170 18.46 0.64 18.98
CA PRO B 170 18.31 0.75 20.43
C PRO B 170 19.49 0.10 21.13
N VAL B 171 19.84 0.64 22.30
CA VAL B 171 21.02 0.20 23.02
C VAL B 171 20.65 0.07 24.48
N LEU B 172 21.30 -0.89 25.13
CA LEU B 172 21.09 -1.13 26.55
C LEU B 172 22.35 -1.80 27.09
N GLY B 173 22.84 -1.33 28.22
CA GLY B 173 24.12 -1.86 28.71
C GLY B 173 25.23 -1.62 27.70
N TYR B 174 25.20 -0.48 27.01
CA TYR B 174 26.22 -0.05 26.07
C TYR B 174 26.43 -1.05 24.94
N LYS B 175 25.47 -1.94 24.75
CA LYS B 175 25.42 -2.89 23.66
C LYS B 175 24.12 -2.69 22.89
N ASP B 176 24.07 -3.20 21.66
CA ASP B 176 22.81 -3.22 20.91
C ASP B 176 21.76 -4.03 21.64
N LEU B 177 20.54 -3.50 21.70
CA LEU B 177 19.43 -4.16 22.39
C LEU B 177 18.85 -5.25 21.49
N ASN B 178 18.82 -6.48 22.00
CA ASN B 178 18.21 -7.58 21.28
C ASN B 178 16.71 -7.53 21.54
N LEU B 179 15.96 -6.94 20.60
CA LEU B 179 14.54 -6.67 20.88
C LEU B 179 13.73 -7.95 21.00
N PHE B 180 13.93 -8.89 20.07
CA PHE B 180 13.18 -10.15 20.12
C PHE B 180 13.47 -10.88 21.43
N LYS B 181 14.74 -10.91 21.85
CA LYS B 181 15.07 -11.59 23.10
C LYS B 181 14.45 -10.87 24.29
N LEU B 182 14.51 -9.54 24.32
CA LEU B 182 13.88 -8.80 25.41
C LEU B 182 12.38 -9.06 25.45
N PHE B 183 11.72 -8.99 24.30
CA PHE B 183 10.29 -9.28 24.21
C PHE B 183 9.94 -10.65 24.79
N ARG B 184 10.70 -11.69 24.40
CA ARG B 184 10.48 -13.03 24.94
C ARG B 184 10.68 -13.07 26.45
N LEU B 185 11.73 -12.42 26.94
CA LEU B 185 12.01 -12.45 28.38
C LEU B 185 10.85 -11.84 29.15
N VAL B 186 10.33 -10.72 28.67
CA VAL B 186 9.19 -10.12 29.36
C VAL B 186 7.94 -10.99 29.22
N TYR B 187 7.76 -11.67 28.08
CA TYR B 187 6.60 -12.57 28.01
C TYR B 187 6.72 -13.71 29.02
N HIS B 188 7.94 -14.19 29.26
CA HIS B 188 8.11 -15.27 30.25
C HIS B 188 7.78 -14.83 31.67
N GLN B 189 7.84 -13.54 31.96
CA GLN B 189 7.47 -13.03 33.27
C GLN B 189 5.98 -12.70 33.37
N GLY B 190 5.21 -12.99 32.33
CA GLY B 190 3.78 -12.73 32.30
C GLY B 190 3.39 -11.45 31.61
N GLY B 191 4.30 -10.82 30.89
CA GLY B 191 4.03 -9.55 30.27
C GLY B 191 4.39 -8.39 31.17
N CYS B 192 4.61 -7.23 30.55
CA CYS B 192 5.14 -6.09 31.27
C CYS B 192 4.26 -5.69 32.46
N ASP B 193 2.94 -5.68 32.27
CA ASP B 193 2.09 -5.25 33.38
C ASP B 193 2.05 -6.27 34.50
N ASN B 194 2.51 -7.50 34.27
CA ASN B 194 2.61 -8.47 35.36
C ASN B 194 3.87 -8.29 36.20
N ILE B 195 4.78 -7.41 35.80
CA ILE B 195 6.05 -7.23 36.50
C ILE B 195 5.92 -6.10 37.50
N ASP B 196 6.08 -6.43 38.78
CA ASP B 196 5.79 -5.54 39.89
C ASP B 196 7.02 -5.27 40.75
N SER B 197 8.20 -5.71 40.33
CA SER B 197 9.37 -5.70 41.19
C SER B 197 10.61 -5.27 40.43
N GLY B 198 11.38 -4.36 41.01
CA GLY B 198 12.66 -3.99 40.41
C GLY B 198 13.59 -5.19 40.26
N ALA B 199 13.46 -6.19 41.15
CA ALA B 199 14.33 -7.35 41.09
C ALA B 199 14.04 -8.21 39.86
N VAL B 200 12.79 -8.22 39.40
CA VAL B 200 12.47 -8.94 38.18
C VAL B 200 13.14 -8.28 36.97
N TRP B 201 13.09 -6.94 36.90
CA TRP B 201 13.73 -6.23 35.78
C TRP B 201 15.25 -6.39 35.81
N LYS B 202 15.84 -6.40 37.00
CA LYS B 202 17.28 -6.59 37.09
C LYS B 202 17.68 -7.94 36.50
N GLN B 203 16.88 -8.98 36.75
CA GLN B 203 17.22 -10.30 36.22
C GLN B 203 16.98 -10.37 34.72
N ILE B 204 15.97 -9.66 34.21
CA ILE B 204 15.81 -9.55 32.76
C ILE B 204 17.05 -8.90 32.15
N TYR B 205 17.53 -7.82 32.77
CA TYR B 205 18.76 -7.17 32.33
C TYR B 205 19.90 -8.18 32.27
N MET B 206 20.03 -9.02 33.31
CA MET B 206 21.10 -10.01 33.35
C MET B 206 20.92 -11.07 32.26
N ASP B 207 19.68 -11.49 32.01
CA ASP B 207 19.41 -12.54 31.02
C ASP B 207 19.60 -12.04 29.60
N LEU B 208 19.69 -10.73 29.40
CA LEU B 208 20.13 -10.21 28.11
C LEU B 208 21.63 -10.39 27.88
N GLY B 209 22.37 -10.91 28.86
CA GLY B 209 23.80 -11.14 28.68
C GLY B 209 24.65 -9.90 28.79
N ILE B 210 24.21 -8.87 29.52
CA ILE B 210 25.04 -7.71 29.78
C ILE B 210 25.93 -8.02 30.98
N PRO B 211 27.24 -7.85 30.86
CA PRO B 211 28.17 -8.48 31.83
C PRO B 211 28.35 -7.71 33.12
N ILE B 212 28.01 -6.43 33.15
CA ILE B 212 28.20 -5.61 34.34
C ILE B 212 26.86 -4.98 34.69
N LEU B 213 26.46 -5.10 35.96
CA LEU B 213 25.20 -4.56 36.46
C LEU B 213 25.48 -3.49 37.52
N ASN B 214 25.02 -2.27 37.25
CA ASN B 214 24.99 -1.19 38.22
C ASN B 214 23.65 -1.22 38.94
N SER B 215 23.46 -0.26 39.85
CA SER B 215 22.19 -0.14 40.55
C SER B 215 21.08 0.37 39.63
N ALA B 216 21.44 1.04 38.52
CA ALA B 216 20.46 1.61 37.62
C ALA B 216 19.90 0.60 36.61
N ALA B 217 20.48 -0.61 36.56
CA ALA B 217 20.16 -1.56 35.50
C ALA B 217 18.66 -1.85 35.41
N SER B 218 18.01 -2.07 36.56
CA SER B 218 16.60 -2.38 36.60
C SER B 218 15.77 -1.25 35.98
N TYR B 219 16.07 -0.01 36.37
CA TYR B 219 15.37 1.12 35.80
C TYR B 219 15.65 1.26 34.31
N ASN B 220 16.88 0.95 33.88
CA ASN B 220 17.19 1.15 32.47
C ASN B 220 16.46 0.17 31.57
N VAL B 221 16.36 -1.11 31.96
CA VAL B 221 15.69 -2.06 31.08
C VAL B 221 14.18 -1.79 31.07
N LYS B 222 13.60 -1.47 32.23
CA LYS B 222 12.19 -1.09 32.31
C LYS B 222 11.88 0.07 31.38
N THR B 223 12.75 1.08 31.36
CA THR B 223 12.52 2.23 30.50
C THR B 223 12.71 1.88 29.02
N ALA B 224 13.70 1.05 28.70
CA ALA B 224 13.85 0.65 27.31
C ALA B 224 12.67 -0.20 26.82
N TYR B 225 12.12 -1.07 27.68
CA TYR B 225 10.95 -1.86 27.29
C TYR B 225 9.74 -0.96 27.05
N ARG B 226 9.49 -0.04 27.97
CA ARG B 226 8.34 0.86 27.80
C ARG B 226 8.46 1.66 26.53
N LYS B 227 9.68 2.11 26.21
CA LYS B 227 9.91 2.90 25.02
C LYS B 227 9.70 2.09 23.75
N TYR B 228 10.36 0.94 23.65
CA TYR B 228 10.47 0.28 22.36
C TYR B 228 9.47 -0.85 22.14
N LEU B 229 8.90 -1.43 23.20
CA LEU B 229 8.20 -2.69 23.06
C LEU B 229 6.81 -2.75 23.70
N TYR B 230 6.52 -1.91 24.69
CA TYR B 230 5.26 -2.08 25.41
C TYR B 230 4.06 -1.86 24.49
N GLY B 231 4.09 -0.79 23.71
CA GLY B 231 3.05 -0.58 22.71
C GLY B 231 2.86 -1.78 21.81
N PHE B 232 3.96 -2.31 21.26
CA PHE B 232 3.87 -3.47 20.39
C PHE B 232 3.31 -4.69 21.11
N GLU B 233 3.65 -4.87 22.39
CA GLU B 233 3.11 -5.99 23.17
C GLU B 233 1.59 -5.88 23.29
N GLU B 234 1.11 -4.69 23.66
CA GLU B 234 -0.33 -4.44 23.74
C GLU B 234 -1.00 -4.67 22.39
N TYR B 235 -0.40 -4.15 21.33
CA TYR B 235 -0.91 -4.32 19.98
C TYR B 235 -1.03 -5.79 19.61
N CYS B 236 0.04 -6.57 19.81
CA CYS B 236 0.01 -7.97 19.38
C CYS B 236 -1.01 -8.79 20.18
N ARG B 237 -1.02 -8.63 21.51
CA ARG B 237 -1.97 -9.40 22.31
C ARG B 237 -3.41 -9.11 21.86
N SER B 238 -3.74 -7.83 21.68
CA SER B 238 -5.12 -7.47 21.32
C SER B 238 -5.45 -7.83 19.88
N ALA B 239 -4.46 -7.80 18.97
CA ALA B 239 -4.65 -8.25 17.60
C ALA B 239 -4.61 -9.78 17.45
N ASN B 240 -4.28 -10.51 18.51
CA ASN B 240 -4.11 -11.99 18.45
C ASN B 240 -2.93 -12.36 17.55
N ILE B 241 -1.85 -11.57 17.57
CA ILE B 241 -0.63 -11.93 16.85
C ILE B 241 0.34 -12.61 17.83
N GLN B 242 0.81 -13.81 17.48
CA GLN B 242 1.76 -14.56 18.29
C GLN B 242 2.99 -14.91 17.46
N PHE B 243 4.11 -15.14 18.17
CA PHE B 243 5.39 -15.45 17.55
C PHE B 243 5.91 -16.79 18.05
N ARG B 244 6.32 -17.64 17.11
CA ARG B 244 7.03 -18.86 17.46
C ARG B 244 8.24 -18.54 18.32
N THR B 245 8.53 -19.47 19.24
CA THR B 245 9.57 -19.41 20.27
C THR B 245 9.22 -18.40 21.34
N VAL B 246 8.12 -17.64 21.16
CA VAL B 246 7.65 -16.78 22.25
C VAL B 246 6.37 -17.37 22.84
N HIS B 247 5.25 -17.24 22.11
CA HIS B 247 3.96 -17.66 22.64
C HIS B 247 3.68 -19.12 22.41
N HIS B 248 4.29 -19.71 21.38
CA HIS B 248 4.01 -21.10 21.07
C HIS B 248 5.22 -21.70 20.38
N HIS B 249 5.14 -23.01 20.18
CA HIS B 249 6.26 -23.76 19.67
C HIS B 249 5.74 -24.76 18.64
N GLU B 250 6.49 -24.91 17.56
CA GLU B 250 6.11 -25.82 16.48
C GLU B 250 7.28 -26.72 16.14
N PRO B 251 7.61 -27.67 17.03
CA PRO B 251 8.72 -28.60 16.79
C PRO B 251 8.32 -29.65 15.75
#